data_1HMY
#
_entry.id   1HMY
#
_cell.length_a   55.300
_cell.length_b   72.700
_cell.length_c   91.000
_cell.angle_alpha   90.00
_cell.angle_beta   102.50
_cell.angle_gamma   90.00
#
_symmetry.space_group_name_H-M   'P 1 21 1'
#
loop_
_entity.id
_entity.type
_entity.pdbx_description
1 polymer 'HaeIII METHYLTRANSFERASE'
2 non-polymer S-ADENOSYLMETHIONINE
#
_entity_poly.entity_id   1
_entity_poly.type   'polypeptide(L)'
_entity_poly.pdbx_seq_one_letter_code
;MIEIKDKQLTGLRFIDLFAGLGGFRLALESCGAECVYSNEWDKYAQEVYEMNFGEKPEGDITQVNEKTIPDHDILCAGFP
CQAFSISGKQKGFEDSRGTLFFDIARIVREKKPKVVFMENVKNFASHDNGNTLEVVKNTMNELDYSFHAKVLNALDYGIP
QKRERIYMICFRNDLNIQNFQFPKPFELNTFVKDLLLPDSEVEHLVIDRKDLVMTNQEIEQTTPKTVRLGIVGKGGQGER
IYSTRGIAITLSAYGGGIFAKTGGYLVNGKTRKLHPRECARVMGYPDSYKVHPSTSQAYKQFGNSVVINVLQYIAYNIGS
SLNFKPY
;
_entity_poly.pdbx_strand_id   A
#
loop_
_chem_comp.id
_chem_comp.type
_chem_comp.name
_chem_comp.formula
SAM non-polymer S-ADENOSYLMETHIONINE 'C15 H22 N6 O5 S'
#
# COMPACT_ATOMS: atom_id res chain seq x y z
N MET A 1 -2.57 6.22 11.28
CA MET A 1 -2.83 4.83 11.72
C MET A 1 -3.63 4.92 13.00
N ILE A 2 -4.16 3.78 13.42
CA ILE A 2 -4.96 3.71 14.63
C ILE A 2 -4.26 2.84 15.66
N GLU A 3 -4.74 2.87 16.90
CA GLU A 3 -4.11 2.02 17.90
C GLU A 3 -4.92 0.77 18.18
N ILE A 4 -4.21 -0.35 18.21
CA ILE A 4 -4.78 -1.68 18.47
C ILE A 4 -4.45 -2.07 19.93
N LYS A 5 -5.47 -2.23 20.76
CA LYS A 5 -5.23 -2.58 22.18
C LYS A 5 -5.06 -4.07 22.50
N ASP A 6 -5.48 -4.91 21.55
CA ASP A 6 -5.41 -6.34 21.67
C ASP A 6 -4.29 -6.80 20.73
N LYS A 7 -3.05 -6.92 21.23
CA LYS A 7 -1.90 -7.33 20.41
C LYS A 7 -1.94 -8.77 19.92
N GLN A 8 -2.97 -9.12 19.17
CA GLN A 8 -3.15 -10.47 18.63
C GLN A 8 -1.93 -11.12 17.96
N LEU A 9 -0.80 -10.43 17.93
CA LEU A 9 0.38 -11.01 17.29
C LEU A 9 1.66 -11.01 18.13
N THR A 10 1.55 -10.86 19.44
CA THR A 10 2.76 -10.87 20.24
C THR A 10 3.44 -12.21 20.07
N GLY A 11 4.76 -12.21 20.01
CA GLY A 11 5.49 -13.45 19.85
C GLY A 11 5.67 -14.00 18.44
N LEU A 12 4.90 -13.52 17.47
CA LEU A 12 5.06 -13.98 16.09
C LEU A 12 6.18 -13.19 15.37
N ARG A 13 6.91 -13.87 14.50
CA ARG A 13 8.04 -13.28 13.78
C ARG A 13 7.70 -13.13 12.30
N PHE A 14 8.16 -12.03 11.66
CA PHE A 14 7.89 -11.80 10.23
C PHE A 14 9.01 -11.16 9.37
N ILE A 15 8.93 -11.36 8.05
CA ILE A 15 9.87 -10.74 7.14
C ILE A 15 9.14 -9.73 6.25
N ASP A 16 9.81 -8.60 6.04
CA ASP A 16 9.35 -7.44 5.28
C ASP A 16 9.99 -7.37 3.89
N LEU A 17 9.55 -8.21 2.94
CA LEU A 17 10.08 -8.19 1.59
C LEU A 17 9.65 -6.95 0.80
N PHE A 18 10.47 -6.51 -0.17
CA PHE A 18 10.20 -5.33 -1.00
C PHE A 18 9.72 -4.16 -0.13
N ALA A 19 10.46 -3.95 0.96
CA ALA A 19 10.15 -2.98 1.98
C ALA A 19 9.64 -1.62 1.65
N GLY A 20 10.27 -0.94 0.69
CA GLY A 20 9.84 0.40 0.34
C GLY A 20 9.97 1.33 1.55
N LEU A 21 8.86 1.91 2.00
CA LEU A 21 8.82 2.84 3.16
C LEU A 21 8.60 2.14 4.50
N GLY A 22 8.28 0.84 4.47
CA GLY A 22 8.06 0.10 5.69
C GLY A 22 6.63 0.12 6.20
N GLY A 23 5.65 0.11 5.29
CA GLY A 23 4.25 0.15 5.69
C GLY A 23 3.83 -1.07 6.48
N PHE A 24 4.00 -2.22 5.85
CA PHE A 24 3.69 -3.49 6.44
C PHE A 24 4.39 -3.62 7.79
N ARG A 25 5.50 -2.91 7.96
CA ARG A 25 6.22 -3.01 9.22
C ARG A 25 5.52 -2.18 10.27
N LEU A 26 5.12 -0.98 9.91
CA LEU A 26 4.42 -0.13 10.84
C LEU A 26 3.18 -0.86 11.32
N ALA A 27 2.43 -1.39 10.37
CA ALA A 27 1.20 -2.12 10.63
C ALA A 27 1.39 -3.31 11.60
N LEU A 28 2.13 -4.36 11.19
CA LEU A 28 2.34 -5.53 12.05
C LEU A 28 3.01 -5.27 13.41
N GLU A 29 3.91 -4.30 13.50
CA GLU A 29 4.55 -4.05 14.79
C GLU A 29 3.58 -3.52 15.82
N SER A 30 2.46 -2.97 15.36
CA SER A 30 1.44 -2.44 16.30
C SER A 30 0.51 -3.56 16.79
N CYS A 31 0.55 -4.69 16.11
CA CYS A 31 -0.23 -5.86 16.48
C CYS A 31 0.62 -6.78 17.35
N GLY A 32 1.87 -6.40 17.61
CA GLY A 32 2.72 -7.17 18.47
C GLY A 32 3.82 -7.99 17.84
N ALA A 33 3.74 -8.22 16.53
CA ALA A 33 4.77 -9.01 15.91
C ALA A 33 6.16 -8.37 15.98
N GLU A 34 7.17 -9.13 15.56
CA GLU A 34 8.57 -8.71 15.63
C GLU A 34 9.25 -8.82 14.24
N CYS A 35 10.04 -7.82 13.86
CA CYS A 35 10.71 -7.91 12.55
C CYS A 35 12.08 -8.59 12.60
N VAL A 36 12.22 -9.62 11.76
CA VAL A 36 13.41 -10.46 11.66
C VAL A 36 14.21 -10.26 10.36
N TYR A 37 13.64 -9.54 9.38
CA TYR A 37 14.31 -9.31 8.09
C TYR A 37 13.65 -8.21 7.28
N SER A 38 14.40 -7.67 6.31
CA SER A 38 13.93 -6.62 5.39
C SER A 38 14.81 -6.55 4.14
N ASN A 39 14.21 -6.25 3.01
CA ASN A 39 14.93 -6.22 1.76
C ASN A 39 14.34 -5.10 0.93
N GLU A 40 15.19 -4.31 0.28
CA GLU A 40 14.77 -3.16 -0.53
C GLU A 40 16.01 -2.52 -1.19
N TRP A 41 16.10 -2.48 -2.53
CA TRP A 41 17.28 -1.91 -3.21
C TRP A 41 17.39 -0.40 -3.54
N ASP A 42 16.29 0.34 -3.55
CA ASP A 42 16.33 1.75 -3.89
C ASP A 42 16.98 2.55 -2.78
N LYS A 43 18.26 2.86 -2.96
CA LYS A 43 19.05 3.61 -1.98
C LYS A 43 18.36 4.72 -1.23
N TYR A 44 17.33 5.30 -1.82
CA TYR A 44 16.63 6.38 -1.11
C TYR A 44 15.66 5.81 -0.13
N ALA A 45 15.03 4.71 -0.49
CA ALA A 45 14.09 4.07 0.39
C ALA A 45 14.90 3.57 1.59
N GLN A 46 16.01 2.89 1.33
CA GLN A 46 16.87 2.35 2.41
C GLN A 46 17.30 3.48 3.35
N GLU A 47 17.40 4.68 2.79
CA GLU A 47 17.79 5.88 3.51
C GLU A 47 16.72 6.29 4.51
N VAL A 48 15.45 6.31 4.07
CA VAL A 48 14.35 6.68 4.96
C VAL A 48 14.06 5.53 5.94
N TYR A 49 14.06 4.32 5.41
CA TYR A 49 13.83 3.16 6.24
C TYR A 49 14.77 3.18 7.44
N GLU A 50 16.03 3.53 7.20
CA GLU A 50 17.00 3.58 8.28
C GLU A 50 16.80 4.74 9.23
N MET A 51 16.27 5.86 8.75
CA MET A 51 16.02 6.99 9.63
C MET A 51 14.95 6.67 10.71
N ASN A 52 14.00 5.80 10.39
CA ASN A 52 12.92 5.46 11.32
C ASN A 52 13.08 4.16 12.09
N PHE A 53 13.36 3.10 11.35
CA PHE A 53 13.54 1.80 11.91
C PHE A 53 14.97 1.51 12.29
N GLY A 54 15.79 2.55 12.34
CA GLY A 54 17.20 2.38 12.72
C GLY A 54 18.10 1.48 11.88
N GLU A 55 17.54 0.54 11.10
CA GLU A 55 18.34 -0.38 10.27
C GLU A 55 18.20 -0.19 8.77
N LYS A 56 19.17 -0.74 8.03
CA LYS A 56 19.18 -0.68 6.56
C LYS A 56 18.83 -2.06 5.98
N PRO A 57 17.79 -2.15 5.13
CA PRO A 57 17.41 -3.44 4.57
C PRO A 57 18.53 -4.06 3.71
N GLU A 58 18.44 -5.36 3.41
CA GLU A 58 19.48 -6.00 2.58
C GLU A 58 19.25 -5.60 1.13
N GLY A 59 19.93 -6.23 0.17
CA GLY A 59 19.76 -5.83 -1.23
C GLY A 59 19.17 -6.79 -2.24
N ASP A 60 19.23 -6.41 -3.52
CA ASP A 60 18.67 -7.21 -4.60
C ASP A 60 18.26 -8.66 -4.25
N ILE A 61 16.95 -8.81 -4.04
CA ILE A 61 16.27 -10.06 -3.75
C ILE A 61 16.75 -11.20 -4.69
N THR A 62 16.90 -10.86 -5.97
CA THR A 62 17.30 -11.81 -6.99
C THR A 62 18.56 -12.54 -6.62
N GLN A 63 19.36 -11.93 -5.77
CA GLN A 63 20.63 -12.50 -5.36
C GLN A 63 20.68 -13.19 -3.99
N VAL A 64 19.69 -12.94 -3.11
CA VAL A 64 19.70 -13.58 -1.78
C VAL A 64 19.31 -15.05 -1.85
N ASN A 65 20.10 -15.90 -1.21
CA ASN A 65 19.83 -17.32 -1.20
C ASN A 65 18.72 -17.68 -0.23
N GLU A 66 17.77 -18.47 -0.72
CA GLU A 66 16.61 -18.91 0.06
C GLU A 66 16.95 -19.51 1.41
N LYS A 67 17.82 -20.52 1.42
CA LYS A 67 18.20 -21.22 2.64
C LYS A 67 18.93 -20.32 3.63
N THR A 68 19.06 -19.05 3.29
CA THR A 68 19.76 -18.09 4.14
C THR A 68 18.82 -17.21 4.96
N ILE A 69 17.55 -17.18 4.58
CA ILE A 69 16.56 -16.34 5.27
C ILE A 69 16.08 -16.88 6.63
N PRO A 70 15.95 -16.00 7.64
CA PRO A 70 15.51 -16.42 8.97
C PRO A 70 14.19 -17.20 9.05
N ASP A 71 14.04 -17.97 10.11
CA ASP A 71 12.82 -18.73 10.35
C ASP A 71 11.77 -17.63 10.58
N HIS A 72 10.57 -17.78 10.01
CA HIS A 72 9.55 -16.77 10.20
C HIS A 72 8.13 -17.35 10.13
N ASP A 73 7.19 -16.66 10.78
CA ASP A 73 5.82 -17.12 10.82
C ASP A 73 4.95 -16.46 9.75
N ILE A 74 5.23 -15.19 9.44
CA ILE A 74 4.49 -14.43 8.40
C ILE A 74 5.39 -13.78 7.29
N LEU A 75 5.04 -14.01 6.04
CA LEU A 75 5.78 -13.43 4.92
C LEU A 75 5.00 -12.25 4.31
N CYS A 76 5.53 -11.03 4.50
CA CYS A 76 4.92 -9.80 3.97
C CYS A 76 5.54 -9.37 2.61
N ALA A 77 4.70 -9.02 1.63
CA ALA A 77 5.22 -8.63 0.31
C ALA A 77 4.29 -7.87 -0.60
N GLY A 78 4.72 -6.66 -0.99
CA GLY A 78 4.04 -5.81 -1.96
C GLY A 78 4.98 -5.77 -3.18
N PHE A 79 5.03 -6.84 -3.95
CA PHE A 79 5.95 -6.91 -5.07
C PHE A 79 5.41 -6.09 -6.26
N PRO A 80 6.23 -5.88 -7.31
CA PRO A 80 5.82 -5.14 -8.52
C PRO A 80 5.20 -6.08 -9.56
N CYS A 81 4.04 -5.72 -10.09
CA CYS A 81 3.32 -6.54 -11.08
C CYS A 81 4.02 -6.63 -12.43
N GLN A 82 4.02 -7.82 -13.01
CA GLN A 82 4.67 -8.05 -14.28
C GLN A 82 3.93 -9.16 -14.97
N ALA A 83 3.93 -9.17 -16.30
CA ALA A 83 3.20 -10.22 -17.02
C ALA A 83 3.94 -11.54 -17.03
N PHE A 84 3.17 -12.60 -17.14
CA PHE A 84 3.71 -13.94 -17.19
C PHE A 84 3.60 -14.40 -18.65
N SER A 85 4.67 -14.99 -19.16
CA SER A 85 4.67 -15.49 -20.53
C SER A 85 4.47 -16.98 -20.43
N ILE A 86 3.20 -17.37 -20.38
CA ILE A 86 2.82 -18.76 -20.29
C ILE A 86 3.01 -19.44 -21.63
N SER A 87 3.96 -20.37 -21.67
CA SER A 87 4.27 -21.12 -22.88
C SER A 87 4.37 -22.61 -22.53
N GLY A 88 3.21 -23.24 -22.36
CA GLY A 88 3.19 -24.65 -22.05
C GLY A 88 1.82 -25.15 -21.64
N LYS A 89 1.81 -26.28 -20.94
CA LYS A 89 0.60 -26.92 -20.48
C LYS A 89 0.00 -26.32 -19.20
N GLN A 90 -1.16 -25.69 -19.35
CA GLN A 90 -1.88 -25.08 -18.25
C GLN A 90 -1.02 -24.08 -17.45
N LYS A 91 -1.34 -23.83 -16.18
CA LYS A 91 -0.59 -22.81 -15.42
C LYS A 91 -0.05 -23.23 -14.07
N GLY A 92 0.97 -22.52 -13.59
CA GLY A 92 1.59 -22.81 -12.30
C GLY A 92 3.06 -22.40 -12.12
N PHE A 93 3.60 -22.67 -10.93
CA PHE A 93 4.99 -22.37 -10.50
C PHE A 93 6.04 -22.12 -11.60
N GLU A 94 6.14 -23.05 -12.55
CA GLU A 94 7.11 -22.98 -13.65
C GLU A 94 7.02 -21.72 -14.54
N ASP A 95 5.84 -21.12 -14.59
CA ASP A 95 5.66 -19.92 -15.40
C ASP A 95 6.08 -18.62 -14.66
N SER A 96 6.25 -18.68 -13.33
CA SER A 96 6.63 -17.50 -12.57
C SER A 96 8.12 -17.17 -12.73
N ARG A 97 8.80 -17.99 -13.52
CA ARG A 97 10.22 -17.81 -13.80
C ARG A 97 10.51 -16.62 -14.70
N GLY A 98 11.28 -15.69 -14.16
CA GLY A 98 11.65 -14.54 -14.94
C GLY A 98 11.05 -13.29 -14.35
N THR A 99 10.16 -13.45 -13.40
CA THR A 99 9.54 -12.32 -12.76
C THR A 99 10.04 -12.28 -11.35
N LEU A 100 9.74 -11.21 -10.62
CA LEU A 100 10.17 -11.14 -9.24
C LEU A 100 9.25 -11.95 -8.30
N PHE A 101 8.15 -12.48 -8.83
CA PHE A 101 7.20 -13.27 -8.06
C PHE A 101 7.84 -14.60 -7.74
N PHE A 102 8.49 -15.15 -8.75
CA PHE A 102 9.18 -16.40 -8.62
C PHE A 102 10.05 -16.32 -7.39
N ASP A 103 10.57 -15.14 -7.10
CA ASP A 103 11.42 -14.95 -5.94
C ASP A 103 10.67 -15.11 -4.61
N ILE A 104 9.35 -14.89 -4.66
CA ILE A 104 8.51 -15.07 -3.47
C ILE A 104 8.32 -16.58 -3.31
N ALA A 105 7.86 -17.24 -4.37
CA ALA A 105 7.65 -18.71 -4.42
C ALA A 105 8.91 -19.47 -3.95
N ARG A 106 10.04 -19.09 -4.53
CA ARG A 106 11.35 -19.64 -4.22
C ARG A 106 11.60 -19.62 -2.70
N ILE A 107 11.20 -18.55 -2.03
CA ILE A 107 11.41 -18.43 -0.58
C ILE A 107 10.34 -19.12 0.28
N VAL A 108 9.15 -19.29 -0.28
CA VAL A 108 8.03 -19.92 0.43
C VAL A 108 8.14 -21.44 0.42
N ARG A 109 8.59 -22.00 -0.68
CA ARG A 109 8.73 -23.44 -0.79
C ARG A 109 9.79 -24.02 0.15
N GLU A 110 10.78 -23.21 0.49
CA GLU A 110 11.88 -23.71 1.32
C GLU A 110 12.13 -23.10 2.69
N LYS A 111 11.15 -22.43 3.28
CA LYS A 111 11.39 -21.82 4.60
C LYS A 111 10.09 -21.53 5.30
N LYS A 112 9.74 -22.29 6.35
CA LYS A 112 8.48 -22.05 7.08
C LYS A 112 7.40 -21.89 6.00
N PRO A 113 6.37 -21.00 6.19
CA PRO A 113 5.85 -20.03 7.17
C PRO A 113 4.35 -20.21 7.26
N LYS A 114 3.73 -19.74 8.33
CA LYS A 114 2.28 -19.93 8.49
C LYS A 114 1.41 -19.17 7.49
N VAL A 115 1.75 -17.91 7.20
CA VAL A 115 0.97 -17.12 6.23
C VAL A 115 1.80 -16.21 5.32
N VAL A 116 1.36 -16.06 4.07
CA VAL A 116 1.97 -15.18 3.08
C VAL A 116 0.95 -14.06 2.90
N PHE A 117 1.36 -12.85 3.23
CA PHE A 117 0.53 -11.65 3.20
C PHE A 117 0.96 -10.69 2.06
N MET A 118 0.28 -10.71 0.91
CA MET A 118 0.66 -9.81 -0.22
C MET A 118 -0.31 -8.65 -0.54
N GLU A 119 0.08 -7.78 -1.47
CA GLU A 119 -0.72 -6.62 -1.93
C GLU A 119 -0.23 -6.09 -3.28
N ASN A 120 -1.15 -5.61 -4.12
CA ASN A 120 -0.81 -5.08 -5.46
C ASN A 120 -1.88 -4.13 -6.04
N VAL A 121 -1.79 -3.81 -7.33
CA VAL A 121 -2.74 -2.87 -7.96
C VAL A 121 -4.15 -3.37 -8.16
N LYS A 122 -5.04 -2.40 -8.11
CA LYS A 122 -6.48 -2.55 -8.28
C LYS A 122 -6.93 -3.51 -9.36
N ASN A 123 -6.13 -3.61 -10.41
CA ASN A 123 -6.51 -4.47 -11.53
C ASN A 123 -5.78 -5.80 -11.67
N PHE A 124 -5.02 -6.18 -10.65
CA PHE A 124 -4.28 -7.45 -10.69
C PHE A 124 -5.24 -8.57 -11.08
N ALA A 125 -6.48 -8.44 -10.61
CA ALA A 125 -7.54 -9.41 -10.87
C ALA A 125 -7.93 -9.61 -12.34
N SER A 126 -7.64 -8.61 -13.19
CA SER A 126 -7.99 -8.68 -14.60
C SER A 126 -6.85 -8.82 -15.63
N HIS A 127 -5.65 -8.40 -15.26
CA HIS A 127 -4.46 -8.46 -16.12
C HIS A 127 -4.30 -9.75 -16.92
N ASP A 128 -4.26 -9.62 -18.24
CA ASP A 128 -4.10 -10.76 -19.14
C ASP A 128 -5.29 -11.70 -19.18
N ASN A 129 -6.51 -11.18 -19.02
CA ASN A 129 -7.72 -11.99 -19.04
C ASN A 129 -7.73 -12.92 -17.81
N GLY A 130 -7.24 -12.37 -16.70
CA GLY A 130 -7.17 -13.09 -15.45
C GLY A 130 -5.93 -13.95 -15.29
N ASN A 131 -5.20 -14.17 -16.37
CA ASN A 131 -4.00 -15.02 -16.36
C ASN A 131 -2.97 -14.70 -15.29
N THR A 132 -2.78 -13.42 -15.00
CA THR A 132 -1.78 -13.01 -14.02
C THR A 132 -2.12 -13.47 -12.61
N LEU A 133 -3.40 -13.42 -12.27
CA LEU A 133 -3.85 -13.85 -10.95
C LEU A 133 -3.95 -15.38 -10.94
N GLU A 134 -4.39 -15.97 -12.05
CA GLU A 134 -4.53 -17.42 -12.10
C GLU A 134 -3.22 -18.11 -11.75
N VAL A 135 -2.11 -17.51 -12.14
CA VAL A 135 -0.76 -18.06 -11.89
C VAL A 135 -0.34 -17.98 -10.44
N VAL A 136 -0.49 -16.82 -9.81
CA VAL A 136 -0.09 -16.67 -8.43
C VAL A 136 -0.95 -17.58 -7.56
N LYS A 137 -2.20 -17.72 -7.95
CA LYS A 137 -3.15 -18.54 -7.23
C LYS A 137 -2.77 -20.02 -7.27
N ASN A 138 -2.69 -20.59 -8.48
CA ASN A 138 -2.34 -21.99 -8.67
C ASN A 138 -0.99 -22.32 -8.05
N THR A 139 -0.08 -21.34 -7.99
CA THR A 139 1.25 -21.53 -7.42
C THR A 139 1.16 -21.73 -5.90
N MET A 140 0.42 -20.85 -5.23
CA MET A 140 0.25 -20.98 -3.80
C MET A 140 -0.48 -22.28 -3.45
N ASN A 141 -1.55 -22.61 -4.17
CA ASN A 141 -2.29 -23.84 -3.89
C ASN A 141 -1.40 -25.05 -4.00
N GLU A 142 -0.58 -25.09 -5.04
CA GLU A 142 0.26 -26.24 -5.23
C GLU A 142 1.45 -26.37 -4.28
N LEU A 143 1.59 -25.41 -3.36
CA LEU A 143 2.66 -25.46 -2.36
C LEU A 143 1.99 -25.71 -1.02
N ASP A 144 0.75 -26.16 -1.09
CA ASP A 144 -0.04 -26.46 0.10
C ASP A 144 -0.52 -25.21 0.84
N TYR A 145 -1.02 -24.24 0.09
CA TYR A 145 -1.58 -23.02 0.70
C TYR A 145 -2.97 -22.73 0.17
N SER A 146 -3.75 -22.01 0.99
CA SER A 146 -5.11 -21.62 0.65
C SER A 146 -5.04 -20.16 0.16
N PHE A 147 -5.92 -19.82 -0.77
CA PHE A 147 -5.89 -18.49 -1.37
C PHE A 147 -7.15 -17.64 -1.22
N HIS A 148 -7.03 -16.50 -0.54
CA HIS A 148 -8.14 -15.54 -0.37
C HIS A 148 -7.72 -14.19 -0.94
N ALA A 149 -8.53 -13.62 -1.85
CA ALA A 149 -8.22 -12.30 -2.44
C ALA A 149 -9.39 -11.32 -2.52
N LYS A 150 -9.13 -10.04 -2.27
CA LYS A 150 -10.17 -9.02 -2.36
C LYS A 150 -9.71 -7.58 -2.65
N VAL A 151 -10.57 -6.79 -3.30
CA VAL A 151 -10.25 -5.38 -3.61
C VAL A 151 -10.92 -4.45 -2.59
N LEU A 152 -10.16 -3.87 -1.66
CA LEU A 152 -10.75 -2.97 -0.66
C LEU A 152 -10.32 -1.53 -1.00
N ASN A 153 -11.23 -0.59 -0.82
CA ASN A 153 -11.00 0.82 -1.10
C ASN A 153 -10.84 1.58 0.21
N ALA A 154 -9.70 2.24 0.36
CA ALA A 154 -9.35 2.98 1.55
C ALA A 154 -10.31 3.99 2.12
N LEU A 155 -11.27 4.43 1.33
CA LEU A 155 -12.20 5.42 1.88
C LEU A 155 -13.21 4.68 2.77
N ASP A 156 -13.25 3.36 2.62
CA ASP A 156 -14.12 2.52 3.42
C ASP A 156 -13.49 2.14 4.75
N TYR A 157 -12.33 2.69 5.08
CA TYR A 157 -11.62 2.37 6.31
C TYR A 157 -10.98 3.54 7.03
N GLY A 158 -11.66 4.67 7.09
CA GLY A 158 -11.16 5.84 7.82
C GLY A 158 -10.16 6.77 7.17
N ILE A 159 -9.79 6.47 5.92
CA ILE A 159 -8.84 7.28 5.18
C ILE A 159 -9.53 7.98 3.99
N PRO A 160 -9.36 9.31 3.86
CA PRO A 160 -9.93 10.11 2.79
C PRO A 160 -9.09 10.13 1.52
N GLN A 161 -9.24 9.10 0.69
CA GLN A 161 -8.55 8.97 -0.58
C GLN A 161 -9.08 7.78 -1.36
N LYS A 162 -9.27 7.99 -2.66
CA LYS A 162 -9.75 6.94 -3.52
C LYS A 162 -8.55 6.04 -3.78
N ARG A 163 -8.58 4.80 -3.33
CA ARG A 163 -7.44 3.92 -3.60
C ARG A 163 -7.72 2.44 -3.44
N GLU A 164 -8.22 1.83 -4.50
CA GLU A 164 -8.53 0.41 -4.52
C GLU A 164 -7.26 -0.41 -4.77
N ARG A 165 -7.07 -1.47 -4.00
CA ARG A 165 -5.89 -2.31 -4.13
C ARG A 165 -6.28 -3.75 -3.76
N ILE A 166 -5.74 -4.74 -4.47
CA ILE A 166 -6.06 -6.11 -4.15
C ILE A 166 -5.18 -6.55 -3.00
N TYR A 167 -5.79 -7.17 -1.98
CA TYR A 167 -5.07 -7.70 -0.82
C TYR A 167 -5.20 -9.21 -0.94
N MET A 168 -4.13 -9.95 -0.73
CA MET A 168 -4.20 -11.41 -0.87
C MET A 168 -3.61 -12.10 0.36
N ILE A 169 -4.38 -13.01 0.97
CA ILE A 169 -3.88 -13.66 2.19
C ILE A 169 -3.84 -15.18 1.99
N CYS A 170 -2.69 -15.75 2.33
CA CYS A 170 -2.54 -17.18 2.20
C CYS A 170 -2.17 -17.91 3.53
N PHE A 171 -3.00 -18.90 3.88
CA PHE A 171 -2.87 -19.73 5.09
C PHE A 171 -2.41 -21.13 4.78
N ARG A 172 -1.31 -21.56 5.41
CA ARG A 172 -0.79 -22.90 5.15
C ARG A 172 -1.89 -23.92 5.44
N ASN A 173 -2.05 -24.88 4.53
CA ASN A 173 -3.09 -25.90 4.70
C ASN A 173 -2.92 -26.75 5.96
N ASP A 174 -1.70 -26.79 6.49
CA ASP A 174 -1.40 -27.52 7.71
C ASP A 174 -2.26 -26.98 8.88
N LEU A 175 -2.43 -25.66 8.92
CA LEU A 175 -3.19 -24.97 9.97
C LEU A 175 -4.69 -25.20 10.00
N ASN A 176 -5.27 -25.66 8.89
CA ASN A 176 -6.71 -25.93 8.84
C ASN A 176 -7.46 -24.66 9.29
N ILE A 177 -7.59 -23.62 8.41
CA ILE A 177 -8.20 -22.37 8.86
C ILE A 177 -9.36 -22.03 7.92
N GLN A 178 -10.60 -22.26 8.40
CA GLN A 178 -11.85 -21.98 7.68
C GLN A 178 -12.54 -20.81 8.36
N ASN A 179 -11.76 -20.11 9.16
CA ASN A 179 -12.20 -19.03 10.02
C ASN A 179 -11.87 -17.58 9.61
N PHE A 180 -11.20 -17.38 8.47
CA PHE A 180 -10.81 -16.03 8.08
C PHE A 180 -11.84 -15.14 7.35
N GLN A 181 -11.77 -13.83 7.62
CA GLN A 181 -12.65 -12.84 6.99
C GLN A 181 -12.03 -11.42 6.93
N PHE A 182 -12.24 -10.73 5.79
CA PHE A 182 -11.71 -9.37 5.53
C PHE A 182 -12.55 -8.36 6.35
N PRO A 183 -11.96 -7.25 6.85
CA PRO A 183 -12.79 -6.33 7.64
C PRO A 183 -14.04 -5.77 6.98
N LYS A 184 -14.89 -5.19 7.81
CA LYS A 184 -16.12 -4.59 7.33
C LYS A 184 -15.92 -3.09 7.28
N PRO A 185 -16.36 -2.47 6.17
CA PRO A 185 -16.29 -1.05 5.85
C PRO A 185 -17.16 -0.22 6.76
N PHE A 186 -16.79 1.03 6.97
CA PHE A 186 -17.58 1.91 7.82
C PHE A 186 -17.67 3.36 7.35
N GLU A 187 -18.32 4.18 8.19
CA GLU A 187 -18.54 5.61 7.95
C GLU A 187 -17.24 6.42 7.91
N LEU A 188 -17.16 7.37 7.00
CA LEU A 188 -15.98 8.23 6.90
C LEU A 188 -16.33 9.54 7.58
N ASN A 189 -15.44 10.05 8.41
CA ASN A 189 -15.71 11.28 9.11
C ASN A 189 -14.49 12.17 9.15
N THR A 190 -13.62 11.98 8.18
CA THR A 190 -12.40 12.76 8.05
C THR A 190 -12.27 13.00 6.55
N PHE A 191 -12.03 14.25 6.18
CA PHE A 191 -11.89 14.66 4.77
C PHE A 191 -10.59 15.47 4.60
N VAL A 192 -10.24 15.82 3.36
CA VAL A 192 -8.98 16.54 3.09
C VAL A 192 -8.72 17.80 3.95
N LYS A 193 -9.74 18.60 4.22
CA LYS A 193 -9.55 19.82 5.02
C LYS A 193 -8.94 19.60 6.39
N ASP A 194 -9.21 18.45 6.99
CA ASP A 194 -8.73 18.15 8.33
C ASP A 194 -7.26 17.73 8.36
N LEU A 195 -6.74 17.35 7.20
CA LEU A 195 -5.37 16.88 7.08
C LEU A 195 -4.31 17.91 6.65
N LEU A 196 -4.76 19.10 6.26
CA LEU A 196 -3.85 20.13 5.78
C LEU A 196 -3.06 20.80 6.88
N LEU A 197 -1.92 21.40 6.51
CA LEU A 197 -1.05 22.16 7.43
C LEU A 197 -1.43 23.63 7.23
N PRO A 198 -1.02 24.53 8.16
CA PRO A 198 -1.38 25.96 7.97
C PRO A 198 -0.66 26.54 6.74
N ASP A 199 -1.22 27.62 6.17
CA ASP A 199 -0.67 28.26 4.95
C ASP A 199 0.77 28.64 5.04
N SER A 200 1.17 29.11 6.21
CA SER A 200 2.54 29.51 6.44
C SER A 200 3.60 28.48 6.01
N GLU A 201 3.29 27.20 6.14
CA GLU A 201 4.28 26.20 5.79
C GLU A 201 4.08 25.63 4.41
N VAL A 202 3.13 26.17 3.67
CA VAL A 202 2.87 25.66 2.32
C VAL A 202 2.86 26.68 1.17
N GLU A 203 3.32 27.91 1.43
CA GLU A 203 3.37 28.95 0.39
C GLU A 203 4.05 28.50 -0.91
N HIS A 204 5.20 27.87 -0.78
CA HIS A 204 5.99 27.42 -1.94
C HIS A 204 5.37 26.36 -2.84
N LEU A 205 4.11 26.01 -2.62
CA LEU A 205 3.48 25.00 -3.45
C LEU A 205 2.32 25.59 -4.27
N VAL A 206 2.10 26.90 -4.14
CA VAL A 206 1.04 27.56 -4.90
C VAL A 206 1.46 27.68 -6.37
N ILE A 207 0.52 27.43 -7.27
CA ILE A 207 0.80 27.54 -8.70
C ILE A 207 -0.25 28.47 -9.29
N ASP A 208 0.23 29.58 -9.83
CA ASP A 208 -0.63 30.59 -10.46
C ASP A 208 -0.73 30.31 -11.96
N ARG A 209 -1.95 30.23 -12.47
CA ARG A 209 -2.20 29.94 -13.87
C ARG A 209 -3.32 30.81 -14.41
N LYS A 210 -3.14 31.41 -15.58
CA LYS A 210 -4.22 32.24 -16.14
C LYS A 210 -5.20 31.41 -16.97
N ASP A 211 -4.80 30.22 -17.40
CA ASP A 211 -5.73 29.40 -18.16
C ASP A 211 -6.59 28.48 -17.27
N LEU A 212 -6.83 28.93 -16.05
CA LEU A 212 -7.66 28.19 -15.12
C LEU A 212 -9.10 28.46 -15.46
N VAL A 213 -9.88 27.41 -15.65
CA VAL A 213 -11.30 27.56 -15.94
C VAL A 213 -12.13 26.78 -14.89
N MET A 214 -12.87 27.48 -14.04
CA MET A 214 -13.70 26.87 -13.00
C MET A 214 -15.02 26.36 -13.57
N THR A 215 -15.29 25.06 -13.44
CA THR A 215 -16.54 24.42 -13.92
C THR A 215 -17.64 24.39 -12.84
N ASN A 216 -17.23 24.30 -11.58
CA ASN A 216 -18.17 24.25 -10.44
C ASN A 216 -17.66 25.15 -9.34
N GLN A 217 -18.55 25.57 -8.47
CA GLN A 217 -18.13 26.41 -7.35
C GLN A 217 -18.05 25.55 -6.11
N GLU A 218 -17.29 26.02 -5.13
CA GLU A 218 -17.11 25.31 -3.89
C GLU A 218 -18.42 24.88 -3.22
N ILE A 219 -18.44 23.59 -2.90
CA ILE A 219 -19.57 22.95 -2.24
C ILE A 219 -19.54 23.35 -0.78
N GLU A 220 -20.69 23.36 -0.12
CA GLU A 220 -20.76 23.73 1.29
C GLU A 220 -20.64 22.51 2.21
N GLN A 221 -20.98 21.34 1.66
CA GLN A 221 -21.01 20.09 2.40
C GLN A 221 -19.94 19.10 1.96
N THR A 222 -19.38 18.36 2.92
CA THR A 222 -18.36 17.35 2.65
C THR A 222 -19.02 16.08 2.11
N THR A 223 -18.33 15.32 1.26
CA THR A 223 -18.87 14.07 0.70
C THR A 223 -17.76 13.04 0.60
N PRO A 224 -18.07 11.73 0.65
CA PRO A 224 -16.98 10.76 0.53
C PRO A 224 -16.68 10.52 -0.94
N LYS A 225 -16.72 11.59 -1.74
CA LYS A 225 -16.48 11.46 -3.17
C LYS A 225 -15.46 12.44 -3.65
N THR A 226 -15.05 12.21 -4.88
CA THR A 226 -14.04 13.00 -5.60
C THR A 226 -14.79 14.12 -6.31
N VAL A 227 -14.61 15.38 -5.89
CA VAL A 227 -15.31 16.50 -6.55
C VAL A 227 -14.45 17.43 -7.42
N ARG A 228 -14.53 17.30 -8.75
CA ARG A 228 -13.73 18.15 -9.63
C ARG A 228 -14.30 19.55 -9.64
N LEU A 229 -13.45 20.53 -9.27
CA LEU A 229 -13.85 21.94 -9.23
C LEU A 229 -13.42 22.75 -10.47
N GLY A 230 -12.29 22.41 -11.07
CA GLY A 230 -11.80 23.15 -12.21
C GLY A 230 -10.81 22.45 -13.09
N ILE A 231 -10.15 23.23 -13.93
CA ILE A 231 -9.17 22.73 -14.88
C ILE A 231 -8.13 23.77 -15.28
N VAL A 232 -7.18 23.31 -16.07
CA VAL A 232 -6.04 24.08 -16.56
C VAL A 232 -5.67 23.32 -17.83
N GLY A 233 -4.83 23.90 -18.67
CA GLY A 233 -4.42 23.24 -19.91
C GLY A 233 -5.56 22.58 -20.66
N LYS A 234 -5.35 21.31 -21.01
CA LYS A 234 -6.35 20.54 -21.73
C LYS A 234 -7.32 19.83 -20.79
N GLY A 235 -7.05 19.93 -19.49
CA GLY A 235 -7.89 19.26 -18.52
C GLY A 235 -7.56 17.78 -18.46
N GLY A 236 -6.36 17.40 -18.83
CA GLY A 236 -5.97 16.01 -18.77
C GLY A 236 -5.45 15.69 -17.39
N GLN A 237 -4.74 14.57 -17.26
CA GLN A 237 -4.21 14.20 -15.95
C GLN A 237 -3.14 15.13 -15.40
N GLY A 238 -3.29 15.56 -14.16
CA GLY A 238 -2.33 16.44 -13.56
C GLY A 238 -2.74 17.88 -13.70
N GLU A 239 -3.75 18.12 -14.52
CA GLU A 239 -4.26 19.47 -14.73
C GLU A 239 -5.74 19.65 -14.34
N ARG A 240 -6.14 19.00 -13.25
CA ARG A 240 -7.51 19.03 -12.71
C ARG A 240 -7.44 19.46 -11.24
N ILE A 241 -8.29 20.40 -10.85
CA ILE A 241 -8.32 20.90 -9.46
C ILE A 241 -9.50 20.29 -8.65
N TYR A 242 -9.20 19.83 -7.42
CA TYR A 242 -10.20 19.20 -6.56
C TYR A 242 -10.50 19.95 -5.23
N SER A 243 -11.74 19.81 -4.76
CA SER A 243 -12.25 20.42 -3.51
C SER A 243 -11.72 19.76 -2.19
N THR A 244 -11.22 20.57 -1.24
CA THR A 244 -10.72 20.02 0.04
C THR A 244 -11.82 19.47 0.97
N ARG A 245 -13.06 19.66 0.56
CA ARG A 245 -14.18 19.17 1.32
C ARG A 245 -14.62 17.85 0.71
N GLY A 246 -13.67 17.14 0.11
CA GLY A 246 -13.98 15.85 -0.48
C GLY A 246 -12.89 14.88 -0.07
N ILE A 247 -12.59 13.96 -0.99
CA ILE A 247 -11.62 12.89 -0.83
C ILE A 247 -10.43 13.20 -1.75
N ALA A 248 -9.20 12.85 -1.34
CA ALA A 248 -8.03 13.07 -2.20
C ALA A 248 -8.04 12.06 -3.38
N ILE A 249 -7.65 12.47 -4.59
CA ILE A 249 -7.62 11.52 -5.72
C ILE A 249 -6.46 10.60 -5.47
N THR A 250 -6.41 9.53 -6.24
CA THR A 250 -5.35 8.57 -6.09
C THR A 250 -3.92 9.06 -6.34
N LEU A 251 -3.15 9.29 -5.26
CA LEU A 251 -1.72 9.62 -5.35
C LEU A 251 -1.01 8.67 -6.35
N SER A 252 -0.02 9.17 -7.09
CA SER A 252 0.71 8.33 -8.07
C SER A 252 2.20 8.60 -8.00
N ALA A 253 2.98 7.59 -8.31
CA ALA A 253 4.40 7.73 -8.24
C ALA A 253 5.01 8.30 -9.50
N TYR A 254 4.49 7.88 -10.65
CA TYR A 254 5.08 8.30 -11.92
C TYR A 254 4.26 9.18 -12.88
N GLY A 255 3.31 9.93 -12.35
CA GLY A 255 2.48 10.75 -13.23
C GLY A 255 3.01 12.12 -13.56
N GLY A 256 2.52 12.69 -14.65
CA GLY A 256 2.95 14.02 -15.08
C GLY A 256 1.81 15.04 -15.03
N GLY A 257 2.09 16.27 -15.41
CA GLY A 257 1.07 17.30 -15.41
C GLY A 257 1.54 18.51 -14.64
N ILE A 258 0.68 19.52 -14.53
CA ILE A 258 1.06 20.72 -13.87
C ILE A 258 1.12 20.47 -12.39
N PHE A 259 0.15 19.68 -11.91
CA PHE A 259 0.03 19.28 -10.50
C PHE A 259 0.33 17.79 -10.66
N ALA A 260 1.59 17.43 -10.78
CA ALA A 260 1.98 16.07 -11.09
C ALA A 260 1.58 14.80 -10.33
N LYS A 261 1.97 14.65 -9.08
CA LYS A 261 1.63 13.39 -8.44
C LYS A 261 0.51 13.40 -7.41
N THR A 262 0.35 14.56 -6.77
CA THR A 262 -0.64 14.80 -5.77
C THR A 262 -1.96 15.30 -6.27
N GLY A 263 -1.95 15.96 -7.41
CA GLY A 263 -3.19 16.53 -7.94
C GLY A 263 -3.20 17.95 -7.39
N GLY A 264 -4.09 18.81 -7.88
CA GLY A 264 -4.08 20.17 -7.38
C GLY A 264 -5.34 20.42 -6.61
N TYR A 265 -5.27 21.24 -5.56
CA TYR A 265 -6.41 21.51 -4.69
C TYR A 265 -6.63 23.00 -4.46
N LEU A 266 -7.89 23.40 -4.40
CA LEU A 266 -8.21 24.77 -4.13
C LEU A 266 -8.25 25.05 -2.62
N VAL A 267 -7.14 25.47 -2.06
CA VAL A 267 -7.09 25.77 -0.65
C VAL A 267 -6.96 27.25 -0.39
N ASN A 268 -8.05 27.90 0.02
CA ASN A 268 -8.04 29.33 0.37
C ASN A 268 -7.86 30.34 -0.76
N GLY A 269 -8.56 30.17 -1.87
CA GLY A 269 -8.40 31.12 -2.96
C GLY A 269 -7.12 30.99 -3.77
N LYS A 270 -6.34 29.94 -3.51
CA LYS A 270 -5.11 29.69 -4.25
C LYS A 270 -5.08 28.20 -4.66
N THR A 271 -4.42 27.88 -5.77
CA THR A 271 -4.35 26.49 -6.23
C THR A 271 -2.97 25.88 -5.95
N ARG A 272 -2.92 24.85 -5.10
CA ARG A 272 -1.66 24.21 -4.77
C ARG A 272 -1.67 22.68 -4.76
N LYS A 273 -0.48 22.09 -4.72
CA LYS A 273 -0.28 20.65 -4.66
C LYS A 273 -0.28 20.24 -3.17
N LEU A 274 -0.07 18.97 -2.86
CA LEU A 274 -0.02 18.57 -1.45
C LEU A 274 1.40 18.55 -0.99
N HIS A 275 1.62 18.80 0.29
CA HIS A 275 2.95 18.78 0.91
C HIS A 275 3.19 17.31 1.30
N PRO A 276 4.45 16.86 1.40
CA PRO A 276 4.68 15.45 1.77
C PRO A 276 4.13 14.95 3.13
N ARG A 277 3.99 15.85 4.11
CA ARG A 277 3.43 15.47 5.39
C ARG A 277 1.95 15.19 5.16
N GLU A 278 1.34 15.94 4.27
CA GLU A 278 -0.07 15.76 3.90
C GLU A 278 -0.20 14.45 3.19
N CYS A 279 0.69 14.20 2.23
CA CYS A 279 0.68 12.95 1.49
C CYS A 279 0.78 11.79 2.46
N ALA A 280 1.67 11.91 3.45
CA ALA A 280 1.85 10.87 4.45
C ALA A 280 0.52 10.65 5.11
N ARG A 281 -0.02 11.73 5.68
CA ARG A 281 -1.32 11.70 6.35
C ARG A 281 -2.43 11.06 5.54
N VAL A 282 -2.40 11.26 4.22
CA VAL A 282 -3.42 10.72 3.33
C VAL A 282 -3.21 9.21 3.09
N MET A 283 -2.05 8.71 3.51
CA MET A 283 -1.70 7.28 3.39
C MET A 283 -1.86 6.57 4.75
N GLY A 284 -2.07 7.34 5.82
CA GLY A 284 -2.22 6.73 7.12
C GLY A 284 -0.97 6.84 8.01
N TYR A 285 0.15 7.28 7.47
CA TYR A 285 1.35 7.39 8.27
C TYR A 285 1.22 8.34 9.44
N PRO A 286 1.81 7.98 10.59
CA PRO A 286 1.78 8.82 11.79
C PRO A 286 2.76 9.98 11.66
N ASP A 287 2.40 11.15 12.21
CA ASP A 287 3.23 12.36 12.15
C ASP A 287 4.65 12.21 12.71
N SER A 288 4.95 11.02 13.25
CA SER A 288 6.27 10.71 13.83
C SER A 288 7.19 10.01 12.82
N TYR A 289 6.64 9.64 11.67
CA TYR A 289 7.40 9.00 10.60
C TYR A 289 8.23 10.10 9.87
N LYS A 290 9.55 10.09 10.06
CA LYS A 290 10.41 11.08 9.42
C LYS A 290 10.54 10.82 7.92
N VAL A 291 10.20 11.84 7.13
CA VAL A 291 10.22 11.77 5.66
C VAL A 291 11.53 12.16 5.00
N HIS A 292 11.67 11.78 3.73
CA HIS A 292 12.90 12.09 2.99
C HIS A 292 13.04 13.58 2.67
N PRO A 293 14.25 14.15 2.93
CA PRO A 293 14.62 15.55 2.70
C PRO A 293 14.25 16.10 1.32
N SER A 294 14.26 15.24 0.29
CA SER A 294 13.93 15.61 -1.10
C SER A 294 12.44 15.42 -1.39
N THR A 295 11.70 16.53 -1.46
CA THR A 295 10.27 16.45 -1.71
C THR A 295 9.86 15.74 -2.96
N SER A 296 10.75 15.56 -3.92
CA SER A 296 10.35 14.85 -5.13
C SER A 296 10.45 13.32 -4.87
N GLN A 297 11.20 12.96 -3.82
CA GLN A 297 11.37 11.56 -3.43
C GLN A 297 10.16 11.13 -2.61
N ALA A 298 9.83 11.93 -1.61
CA ALA A 298 8.68 11.69 -0.75
C ALA A 298 7.45 11.34 -1.58
N TYR A 299 7.30 11.99 -2.72
CA TYR A 299 6.18 11.79 -3.62
C TYR A 299 6.23 10.43 -4.28
N LYS A 300 7.34 10.09 -4.92
CA LYS A 300 7.49 8.80 -5.60
C LYS A 300 7.30 7.64 -4.63
N GLN A 301 7.79 7.82 -3.39
CA GLN A 301 7.71 6.82 -2.34
C GLN A 301 6.27 6.61 -1.88
N PHE A 302 5.68 7.64 -1.28
CA PHE A 302 4.31 7.56 -0.81
C PHE A 302 3.30 7.16 -1.86
N GLY A 303 3.67 7.15 -3.13
CA GLY A 303 2.69 6.81 -4.14
C GLY A 303 2.80 5.40 -4.57
N ASN A 304 3.88 4.76 -4.17
CA ASN A 304 4.08 3.37 -4.48
C ASN A 304 3.84 2.57 -3.21
N SER A 305 3.47 3.31 -2.17
CA SER A 305 3.25 2.77 -0.85
C SER A 305 1.94 2.10 -0.52
N VAL A 306 1.74 1.93 0.78
CA VAL A 306 0.63 1.19 1.34
C VAL A 306 -0.27 2.01 2.28
N VAL A 307 -1.56 1.71 2.34
CA VAL A 307 -2.47 2.43 3.25
C VAL A 307 -2.41 1.70 4.61
N ILE A 308 -1.66 2.27 5.56
CA ILE A 308 -1.47 1.67 6.87
C ILE A 308 -2.75 1.17 7.55
N ASN A 309 -3.72 2.04 7.75
CA ASN A 309 -4.97 1.62 8.40
C ASN A 309 -5.56 0.30 7.93
N VAL A 310 -5.69 0.15 6.62
CA VAL A 310 -6.25 -1.08 6.06
C VAL A 310 -5.40 -2.30 6.45
N LEU A 311 -4.08 -2.14 6.40
CA LEU A 311 -3.17 -3.20 6.73
C LEU A 311 -3.36 -3.68 8.18
N GLN A 312 -3.63 -2.73 9.08
CA GLN A 312 -3.85 -2.96 10.52
C GLN A 312 -5.14 -3.73 10.81
N TYR A 313 -6.22 -3.44 10.10
CA TYR A 313 -7.47 -4.20 10.32
C TYR A 313 -7.26 -5.64 9.81
N ILE A 314 -6.72 -5.81 8.61
CA ILE A 314 -6.51 -7.16 8.08
C ILE A 314 -5.55 -8.01 8.93
N ALA A 315 -4.51 -7.39 9.47
CA ALA A 315 -3.56 -8.13 10.28
C ALA A 315 -4.24 -8.60 11.59
N TYR A 316 -4.95 -7.70 12.28
CA TYR A 316 -5.63 -8.07 13.52
C TYR A 316 -6.44 -9.35 13.28
N ASN A 317 -7.30 -9.33 12.27
CA ASN A 317 -8.14 -10.47 11.86
C ASN A 317 -7.35 -11.75 11.52
N ILE A 318 -6.03 -11.65 11.50
CA ILE A 318 -5.14 -12.78 11.21
C ILE A 318 -4.66 -13.34 12.56
N GLY A 319 -4.46 -12.46 13.53
CA GLY A 319 -4.06 -12.92 14.84
C GLY A 319 -5.26 -13.77 15.22
N SER A 320 -6.45 -13.17 15.20
CA SER A 320 -7.67 -13.85 15.55
C SER A 320 -7.74 -15.27 15.02
N SER A 321 -7.87 -15.46 13.72
CA SER A 321 -7.95 -16.79 13.17
C SER A 321 -6.86 -17.76 13.65
N LEU A 322 -5.67 -17.25 13.93
CA LEU A 322 -4.57 -18.13 14.35
C LEU A 322 -4.61 -18.44 15.82
N ASN A 323 -5.40 -17.66 16.55
CA ASN A 323 -5.51 -17.81 17.98
C ASN A 323 -6.72 -18.61 18.49
N PHE A 324 -7.51 -19.07 17.54
CA PHE A 324 -8.71 -19.82 17.82
C PHE A 324 -8.49 -21.29 17.52
N LYS A 325 -7.93 -21.98 18.51
CA LYS A 325 -7.71 -23.41 18.41
C LYS A 325 -8.30 -24.02 19.68
N PRO A 326 -9.59 -24.42 19.61
CA PRO A 326 -10.33 -25.03 20.71
C PRO A 326 -10.27 -26.56 20.70
N TYR A 327 -10.48 -27.17 21.88
CA TYR A 327 -10.48 -28.63 22.08
C TYR A 327 -11.64 -29.31 21.35
N SAM B . 14.59 -10.42 -12.14
CA SAM B . 14.36 -9.03 -12.15
C SAM B . 14.85 -8.81 -13.57
O SAM B . 14.42 -9.68 -14.44
OXT SAM B . 14.98 -7.63 -14.06
CB SAM B . 15.31 -8.45 -11.11
CG SAM B . 14.72 -7.31 -10.24
SD SAM B . 15.82 -6.77 -8.91
CE SAM B . 16.26 -7.96 -7.63
C5' SAM B . 14.74 -6.28 -7.57
C4' SAM B . 13.54 -5.57 -8.02
O4' SAM B . 12.76 -5.30 -6.83
C3' SAM B . 13.83 -4.21 -8.69
O3' SAM B . 13.20 -4.22 -10.00
C2' SAM B . 13.09 -3.25 -7.70
O2' SAM B . 12.58 -2.05 -8.39
C1' SAM B . 11.92 -4.17 -7.19
N9 SAM B . 11.21 -3.65 -5.96
C8 SAM B . 11.83 -3.26 -4.76
N7 SAM B . 11.00 -2.94 -3.78
C5 SAM B . 9.69 -3.14 -4.34
C6 SAM B . 8.37 -3.01 -3.77
N6 SAM B . 8.14 -2.60 -2.48
N1 SAM B . 7.35 -3.32 -4.59
C2 SAM B . 7.58 -3.70 -5.85
N3 SAM B . 8.73 -3.85 -6.53
C4 SAM B . 9.80 -3.56 -5.69
#